data_7KER
#
_entry.id   7KER
#
_cell.length_a   124.184
_cell.length_b   124.184
_cell.length_c   124.184
_cell.angle_alpha   90.000
_cell.angle_beta   90.000
_cell.angle_gamma   90.000
#
_symmetry.space_group_name_H-M   'P 43 3 2'
#
loop_
_entity.id
_entity.type
_entity.pdbx_description
1 polymer Beta-lactamase
2 non-polymer (2S,5R)-1-formyl-5-[(sulfooxy)amino]piperidine-2-carboxamide
3 non-polymer (2S,5R)-7-oxo-6-(sulfooxy)-1,6-diazabicyclo[3.2.1]octane-2-carboxamide
4 non-polymer '4-(2-HYDROXYETHYL)-1-PIPERAZINE ETHANESULFONIC ACID'
5 non-polymer 'SULFATE ION'
6 non-polymer (4S)-2-METHYL-2,4-PENTANEDIOL
7 water water
#
_entity_poly.entity_id   1
_entity_poly.type   'polypeptide(L)'
_entity_poly.pdbx_seq_one_letter_code
;MKRKKNFIWIAILLVGVVMVMYYAVKKHNDINQKTDKNYIKSELNKSKIKNNDKNKKESVNIVDYSDCFEGISGGAIFCN
TKNKEYNIYNKELIETRRSPCSTF(KCX)IVSTLIGLEKGVINSKESVMGYDGTDYPNKNWNKNLSLEEAFKESCVWYYK
KLINKVDAKSVQNILDDLKYGNCDISEWEGDLKNGKGHLNGFWLESSLQISPKEQVQTMAKIFEGDTNFKKEHINILRDI
MAIDVNDANINVYGKTGTGFDEKNKRVDAWFVGMLEREGDTYYFAIKSDDSNKEITGPKVKEIAINIIKKYYSVRE
;
_entity_poly.pdbx_strand_id   A
#
loop_
_chem_comp.id
_chem_comp.type
_chem_comp.name
_chem_comp.formula
EPE non-polymer '4-(2-HYDROXYETHYL)-1-PIPERAZINE ETHANESULFONIC ACID' 'C8 H18 N2 O4 S'
FYG non-polymer (2S,5R)-7-oxo-6-(sulfooxy)-1,6-diazabicyclo[3.2.1]octane-2-carboxamide 'C7 H11 N3 O6 S'
MPD non-polymer (4S)-2-METHYL-2,4-PENTANEDIOL 'C6 H14 O2'
NXL non-polymer (2S,5R)-1-formyl-5-[(sulfooxy)amino]piperidine-2-carboxamide 'C7 H13 N3 O6 S'
SO4 non-polymer 'SULFATE ION' 'O4 S -2'
#
# COMPACT_ATOMS: atom_id res chain seq x y z
N SER A 59 25.04 -4.69 -0.51
CA SER A 59 24.81 -4.77 -1.95
C SER A 59 23.44 -5.36 -2.24
N VAL A 60 23.23 -5.77 -3.50
CA VAL A 60 22.00 -6.44 -3.92
C VAL A 60 22.19 -7.95 -3.76
N ASN A 61 21.41 -8.55 -2.88
CA ASN A 61 21.49 -9.99 -2.62
C ASN A 61 20.22 -10.67 -3.11
N ILE A 62 20.39 -11.67 -3.94
CA ILE A 62 19.27 -12.51 -4.36
C ILE A 62 19.08 -13.58 -3.29
N VAL A 63 17.85 -13.72 -2.80
CA VAL A 63 17.57 -14.56 -1.64
C VAL A 63 16.44 -15.52 -1.98
N ASP A 64 16.29 -16.53 -1.14
CA ASP A 64 15.28 -17.57 -1.29
C ASP A 64 14.36 -17.52 -0.07
N TYR A 65 13.22 -16.86 -0.20
CA TYR A 65 12.20 -16.85 0.84
C TYR A 65 11.05 -17.81 0.52
N SER A 66 11.29 -18.78 -0.38
CA SER A 66 10.20 -19.63 -0.84
C SER A 66 9.59 -20.47 0.27
N ASP A 67 10.38 -20.85 1.26
CA ASP A 67 9.85 -21.64 2.36
C ASP A 67 8.73 -20.88 3.10
N CYS A 68 8.83 -19.56 3.16
CA CYS A 68 7.82 -18.74 3.82
C CYS A 68 6.58 -18.53 2.97
N PHE A 69 6.70 -18.68 1.65
CA PHE A 69 5.54 -18.51 0.77
C PHE A 69 4.68 -19.76 0.73
N GLU A 70 5.15 -20.87 1.28
CA GLU A 70 4.43 -22.13 1.36
C GLU A 70 3.65 -22.46 0.09
N GLY A 71 4.38 -22.41 -1.04
CA GLY A 71 3.82 -22.85 -2.30
C GLY A 71 3.07 -21.81 -3.09
N ILE A 72 2.88 -20.61 -2.53
CA ILE A 72 2.20 -19.53 -3.24
C ILE A 72 3.22 -18.79 -4.09
N SER A 73 2.83 -18.40 -5.30
CA SER A 73 3.72 -17.70 -6.24
CA SER A 73 3.76 -17.71 -6.19
C SER A 73 3.82 -16.23 -5.86
N GLY A 74 5.04 -15.72 -5.72
CA GLY A 74 5.21 -14.32 -5.41
C GLY A 74 6.68 -13.95 -5.27
N GLY A 75 6.91 -12.74 -4.78
CA GLY A 75 8.25 -12.24 -4.55
C GLY A 75 8.27 -11.31 -3.36
N ALA A 76 9.47 -10.88 -2.99
CA ALA A 76 9.64 -9.99 -1.85
C ALA A 76 10.88 -9.15 -2.07
N ILE A 77 10.85 -7.91 -1.59
CA ILE A 77 12.03 -7.07 -1.60
C ILE A 77 12.10 -6.31 -0.28
N PHE A 78 13.26 -6.34 0.37
CA PHE A 78 13.56 -5.61 1.59
C PHE A 78 14.78 -4.72 1.33
N CYS A 79 14.70 -3.45 1.73
CA CYS A 79 15.77 -2.50 1.46
CA CYS A 79 15.77 -2.51 1.45
C CYS A 79 16.10 -1.71 2.70
N ASN A 80 17.39 -1.65 3.04
CA ASN A 80 17.89 -0.82 4.12
C ASN A 80 18.69 0.30 3.46
N THR A 81 18.20 1.54 3.56
CA THR A 81 18.87 2.60 2.81
C THR A 81 20.10 3.16 3.53
N LYS A 82 20.30 2.82 4.81
CA LYS A 82 21.51 3.30 5.49
C LYS A 82 22.75 2.60 4.95
N ASN A 83 22.70 1.27 4.84
CA ASN A 83 23.80 0.48 4.30
C ASN A 83 23.54 -0.06 2.90
N LYS A 84 22.53 0.48 2.21
CA LYS A 84 22.16 0.07 0.85
C LYS A 84 22.15 -1.45 0.67
N GLU A 85 21.52 -2.13 1.62
CA GLU A 85 21.28 -3.57 1.52
C GLU A 85 19.93 -3.80 0.83
N TYR A 86 19.97 -4.39 -0.37
CA TYR A 86 18.80 -4.80 -1.14
C TYR A 86 18.68 -6.33 -1.10
N ASN A 87 17.64 -6.88 -0.46
CA ASN A 87 17.40 -8.31 -0.44
C ASN A 87 16.20 -8.63 -1.31
N ILE A 88 16.42 -9.44 -2.36
CA ILE A 88 15.42 -9.62 -3.41
C ILE A 88 15.13 -11.10 -3.60
N TYR A 89 13.84 -11.44 -3.59
CA TYR A 89 13.35 -12.78 -3.88
C TYR A 89 12.37 -12.69 -5.06
N ASN A 90 12.73 -13.36 -6.16
CA ASN A 90 11.99 -13.35 -7.43
C ASN A 90 12.13 -11.99 -8.09
N LYS A 91 13.29 -11.72 -8.67
CA LYS A 91 13.60 -10.39 -9.22
C LYS A 91 12.65 -10.00 -10.36
N GLU A 92 12.30 -10.95 -11.24
CA GLU A 92 11.38 -10.65 -12.32
C GLU A 92 10.08 -10.04 -11.79
N LEU A 93 9.50 -10.67 -10.76
CA LEU A 93 8.22 -10.21 -10.26
C LEU A 93 8.38 -8.86 -9.57
N ILE A 94 9.46 -8.69 -8.81
CA ILE A 94 9.75 -7.45 -8.09
C ILE A 94 9.84 -6.24 -9.01
N GLU A 95 10.19 -6.45 -10.28
CA GLU A 95 10.33 -5.36 -11.23
C GLU A 95 9.09 -5.15 -12.10
N THR A 96 8.05 -5.98 -11.94
CA THR A 96 6.85 -5.91 -12.78
C THR A 96 5.80 -4.97 -12.16
N ARG A 97 5.31 -4.02 -12.94
CA ARG A 97 4.30 -3.07 -12.49
C ARG A 97 2.90 -3.70 -12.49
N ARG A 98 2.14 -3.45 -11.42
CA ARG A 98 0.77 -3.95 -11.27
C ARG A 98 -0.05 -2.89 -10.54
N SER A 99 -1.38 -3.04 -10.57
CA SER A 99 -2.24 -2.13 -9.81
C SER A 99 -1.87 -2.17 -8.34
N PRO A 100 -1.71 -1.02 -7.67
CA PRO A 100 -1.45 -1.03 -6.22
C PRO A 100 -2.64 -1.47 -5.38
N CYS A 101 -3.87 -1.42 -5.92
CA CYS A 101 -5.09 -1.69 -5.16
C CYS A 101 -5.12 -0.84 -3.88
N SER A 102 -5.56 -1.40 -2.75
CA SER A 102 -5.69 -0.61 -1.53
C SER A 102 -4.37 -0.13 -0.92
N THR A 103 -3.20 -0.63 -1.37
CA THR A 103 -1.96 -0.04 -0.87
C THR A 103 -1.84 1.44 -1.24
N PHE A 104 -2.56 1.89 -2.26
CA PHE A 104 -2.52 3.30 -2.65
C PHE A 104 -3.08 4.22 -1.54
N KCX A 105 -3.81 3.65 -0.60
CA KCX A 105 -4.35 4.45 0.50
CB KCX A 105 -5.27 3.62 1.37
CG KCX A 105 -6.58 3.23 0.68
CD KCX A 105 -7.49 2.51 1.69
CE KCX A 105 -8.91 2.33 1.19
NZ KCX A 105 -9.07 1.33 0.09
C KCX A 105 -3.22 5.10 1.34
O KCX A 105 -3.45 6.11 2.03
CX KCX A 105 -8.97 1.69 -1.18
OQ1 KCX A 105 -8.72 2.87 -1.51
OQ2 KCX A 105 -9.12 0.85 -2.08
N ILE A 106 -2.03 4.51 1.31
CA ILE A 106 -0.88 5.15 1.94
C ILE A 106 -0.66 6.53 1.34
N VAL A 107 -0.62 6.60 0.00
CA VAL A 107 -0.36 7.86 -0.67
C VAL A 107 -1.59 8.78 -0.65
N SER A 108 -2.79 8.21 -0.86
CA SER A 108 -3.96 9.07 -0.90
CA SER A 108 -4.01 9.01 -0.87
C SER A 108 -4.21 9.74 0.45
N THR A 109 -3.85 9.08 1.56
CA THR A 109 -3.93 9.73 2.87
C THR A 109 -3.06 11.00 2.90
N LEU A 110 -1.82 10.89 2.41
CA LEU A 110 -0.92 12.05 2.41
C LEU A 110 -1.42 13.14 1.49
N ILE A 111 -1.98 12.77 0.33
CA ILE A 111 -2.57 13.77 -0.55
C ILE A 111 -3.68 14.52 0.16
N GLY A 112 -4.60 13.79 0.83
CA GLY A 112 -5.69 14.46 1.53
C GLY A 112 -5.21 15.38 2.64
N LEU A 113 -4.17 14.95 3.37
CA LEU A 113 -3.62 15.78 4.45
C LEU A 113 -2.98 17.04 3.88
N GLU A 114 -2.15 16.89 2.85
CA GLU A 114 -1.48 18.03 2.23
C GLU A 114 -2.50 19.03 1.67
N LYS A 115 -3.58 18.55 1.08
CA LYS A 115 -4.57 19.44 0.49
C LYS A 115 -5.58 19.99 1.49
N GLY A 116 -5.54 19.54 2.75
CA GLY A 116 -6.47 20.02 3.75
C GLY A 116 -7.85 19.40 3.72
N VAL A 117 -8.07 18.37 2.91
CA VAL A 117 -9.35 17.64 2.93
C VAL A 117 -9.55 16.94 4.26
N ILE A 118 -8.46 16.43 4.85
CA ILE A 118 -8.42 15.87 6.20
C ILE A 118 -7.26 16.51 6.94
N ASN A 119 -7.24 16.35 8.26
CA ASN A 119 -6.27 17.05 9.09
C ASN A 119 -5.62 16.24 10.19
N SER A 120 -6.22 15.13 10.64
CA SER A 120 -5.72 14.38 11.77
C SER A 120 -6.22 12.95 11.65
N LYS A 121 -5.72 12.08 12.53
CA LYS A 121 -6.26 10.72 12.47
C LYS A 121 -7.72 10.63 12.90
N GLU A 122 -8.31 11.70 13.45
CA GLU A 122 -9.73 11.72 13.79
C GLU A 122 -10.63 12.23 12.66
N SER A 123 -10.06 12.80 11.59
CA SER A 123 -10.85 13.53 10.59
C SER A 123 -11.91 12.65 9.93
N VAL A 124 -13.07 13.25 9.64
CA VAL A 124 -14.22 12.53 9.09
C VAL A 124 -14.50 13.06 7.69
N MET A 125 -15.26 12.27 6.92
CA MET A 125 -15.58 12.63 5.54
C MET A 125 -17.07 12.78 5.30
N GLY A 126 -17.90 12.84 6.36
CA GLY A 126 -19.31 13.16 6.19
C GLY A 126 -20.16 12.01 5.64
N TYR A 127 -20.18 10.89 6.36
CA TYR A 127 -20.98 9.71 5.98
C TYR A 127 -22.43 10.10 5.70
N ASP A 128 -22.98 9.58 4.60
CA ASP A 128 -24.29 10.05 4.14
C ASP A 128 -25.39 9.01 4.32
N GLY A 129 -25.12 7.91 5.01
CA GLY A 129 -26.16 6.93 5.28
C GLY A 129 -26.27 5.77 4.29
N THR A 130 -25.46 5.75 3.23
CA THR A 130 -25.50 4.65 2.26
C THR A 130 -25.26 3.30 2.93
N ASP A 131 -26.07 2.29 2.55
CA ASP A 131 -25.95 0.93 3.09
C ASP A 131 -24.81 0.17 2.44
N TYR A 132 -23.95 -0.44 3.26
CA TYR A 132 -22.84 -1.28 2.81
C TYR A 132 -22.82 -2.60 3.57
N PRO A 133 -22.38 -3.68 2.93
CA PRO A 133 -22.33 -4.97 3.65
C PRO A 133 -21.30 -5.01 4.79
N ASN A 134 -20.18 -4.29 4.70
CA ASN A 134 -19.24 -4.23 5.83
C ASN A 134 -19.86 -3.31 6.88
N LYS A 135 -20.24 -3.89 8.01
CA LYS A 135 -20.76 -3.17 9.17
C LYS A 135 -20.02 -1.86 9.45
N ASN A 136 -18.69 -1.91 9.42
CA ASN A 136 -17.90 -0.77 9.90
C ASN A 136 -17.81 0.35 8.87
N TRP A 137 -18.27 0.12 7.64
CA TRP A 137 -18.38 1.21 6.68
C TRP A 137 -19.62 2.06 6.89
N ASN A 138 -20.58 1.61 7.71
CA ASN A 138 -21.88 2.27 7.84
C ASN A 138 -21.88 3.30 8.96
N LYS A 139 -20.90 4.17 8.99
CA LYS A 139 -20.82 5.14 10.09
C LYS A 139 -19.84 6.22 9.69
N ASN A 140 -19.84 7.31 10.48
CA ASN A 140 -18.99 8.46 10.19
C ASN A 140 -17.58 8.20 10.72
N LEU A 141 -16.89 7.29 10.06
CA LEU A 141 -15.66 6.80 10.64
C LEU A 141 -14.50 7.78 10.45
N SER A 142 -13.52 7.68 11.35
CA SER A 142 -12.32 8.51 11.34
C SER A 142 -11.34 8.03 10.30
N LEU A 143 -10.36 8.90 9.98
CA LEU A 143 -9.24 8.51 9.11
C LEU A 143 -8.60 7.21 9.57
N GLU A 144 -8.29 7.11 10.86
CA GLU A 144 -7.64 5.92 11.38
C GLU A 144 -8.47 4.67 11.13
N GLU A 145 -9.79 4.75 11.32
CA GLU A 145 -10.59 3.56 11.10
C GLU A 145 -10.82 3.28 9.61
N ALA A 146 -11.00 4.32 8.79
CA ALA A 146 -11.15 4.09 7.35
C ALA A 146 -9.91 3.43 6.74
N PHE A 147 -8.72 3.84 7.20
CA PHE A 147 -7.48 3.23 6.72
C PHE A 147 -7.44 1.74 7.07
N LYS A 148 -7.66 1.42 8.36
CA LYS A 148 -7.60 0.02 8.76
C LYS A 148 -8.74 -0.83 8.23
N GLU A 149 -9.89 -0.23 7.92
CA GLU A 149 -10.97 -0.98 7.29
C GLU A 149 -10.88 -0.99 5.77
N SER A 150 -9.90 -0.28 5.19
CA SER A 150 -9.82 -0.07 3.74
C SER A 150 -11.14 0.47 3.17
N CYS A 151 -11.76 1.41 3.89
CA CYS A 151 -13.09 1.86 3.53
C CYS A 151 -13.08 2.59 2.18
N VAL A 152 -13.66 1.97 1.14
CA VAL A 152 -13.55 2.54 -0.20
C VAL A 152 -14.31 3.86 -0.32
N TRP A 153 -15.49 3.99 0.29
CA TRP A 153 -16.26 5.21 0.04
C TRP A 153 -15.55 6.43 0.63
N TYR A 154 -14.90 6.25 1.78
CA TYR A 154 -14.17 7.32 2.43
C TYR A 154 -13.04 7.82 1.54
N TYR A 155 -12.25 6.91 0.98
CA TYR A 155 -11.10 7.32 0.16
C TYR A 155 -11.50 7.81 -1.22
N LYS A 156 -12.63 7.33 -1.74
CA LYS A 156 -13.13 7.83 -3.02
C LYS A 156 -13.63 9.25 -2.88
N LYS A 157 -14.39 9.52 -1.82
CA LYS A 157 -14.86 10.89 -1.57
C LYS A 157 -13.69 11.83 -1.34
N LEU A 158 -12.71 11.40 -0.55
CA LEU A 158 -11.50 12.18 -0.31
C LEU A 158 -10.82 12.56 -1.62
N ILE A 159 -10.47 11.56 -2.44
CA ILE A 159 -9.71 11.84 -3.66
C ILE A 159 -10.53 12.65 -4.67
N ASN A 160 -11.85 12.50 -4.67
CA ASN A 160 -12.65 13.29 -5.61
C ASN A 160 -12.81 14.74 -5.17
N LYS A 161 -12.33 15.11 -3.99
CA LYS A 161 -12.21 16.52 -3.63
C LYS A 161 -10.93 17.17 -4.14
N VAL A 162 -10.04 16.41 -4.77
CA VAL A 162 -8.73 16.92 -5.21
C VAL A 162 -8.72 16.98 -6.73
N ASP A 163 -8.24 18.09 -7.28
CA ASP A 163 -8.15 18.23 -8.73
C ASP A 163 -7.08 17.30 -9.32
N ALA A 164 -7.30 16.90 -10.58
CA ALA A 164 -6.48 15.84 -11.18
C ALA A 164 -5.04 16.31 -11.42
N LYS A 165 -4.83 17.59 -11.74
CA LYS A 165 -3.48 18.12 -11.93
C LYS A 165 -2.63 17.99 -10.66
N SER A 166 -3.22 18.29 -9.48
CA SER A 166 -2.47 18.16 -8.22
C SER A 166 -2.07 16.72 -7.96
N VAL A 167 -2.98 15.77 -8.22
CA VAL A 167 -2.67 14.37 -8.03
C VAL A 167 -1.58 13.95 -9.02
N GLN A 168 -1.69 14.39 -10.28
CA GLN A 168 -0.67 14.05 -11.26
C GLN A 168 0.71 14.52 -10.83
N ASN A 169 0.80 15.77 -10.34
CA ASN A 169 2.09 16.34 -9.96
C ASN A 169 2.67 15.64 -8.72
N ILE A 170 1.83 15.25 -7.78
CA ILE A 170 2.31 14.53 -6.61
C ILE A 170 2.86 13.16 -7.01
N LEU A 171 2.11 12.41 -7.84
CA LEU A 171 2.58 11.10 -8.26
C LEU A 171 3.88 11.22 -9.06
N ASP A 172 3.98 12.22 -9.94
CA ASP A 172 5.23 12.45 -10.67
C ASP A 172 6.40 12.72 -9.72
N ASP A 173 6.18 13.56 -8.69
CA ASP A 173 7.22 13.87 -7.72
C ASP A 173 7.65 12.64 -6.94
N LEU A 174 6.71 11.74 -6.63
CA LEU A 174 7.02 10.51 -5.91
C LEU A 174 7.57 9.43 -6.81
N LYS A 175 7.51 9.63 -8.13
CA LYS A 175 7.89 8.61 -9.10
C LYS A 175 7.04 7.36 -8.87
N TYR A 176 5.71 7.55 -8.82
CA TYR A 176 4.81 6.47 -8.40
C TYR A 176 4.44 5.63 -9.63
N GLY A 177 5.32 4.69 -9.96
CA GLY A 177 5.04 3.79 -11.07
C GLY A 177 4.82 4.55 -12.35
N ASN A 178 3.82 4.12 -13.14
CA ASN A 178 3.53 4.79 -14.40
C ASN A 178 2.80 6.12 -14.22
N CYS A 179 2.42 6.49 -12.99
CA CYS A 179 1.76 7.77 -12.70
C CYS A 179 0.56 8.00 -13.62
N ASP A 180 -0.17 6.94 -13.96
CA ASP A 180 -1.22 7.02 -14.99
C ASP A 180 -2.58 7.11 -14.31
N ILE A 181 -3.15 8.32 -14.29
CA ILE A 181 -4.45 8.52 -13.66
C ILE A 181 -5.54 8.76 -14.72
N SER A 182 -5.27 8.35 -15.96
CA SER A 182 -6.19 8.65 -17.06
C SER A 182 -7.58 8.05 -16.86
N GLU A 183 -7.65 6.86 -16.26
CA GLU A 183 -8.94 6.22 -15.97
CA GLU A 183 -8.94 6.21 -15.97
C GLU A 183 -9.37 6.58 -14.55
N TRP A 184 -9.66 7.87 -14.36
CA TRP A 184 -9.92 8.41 -13.02
C TRP A 184 -11.00 7.64 -12.27
N GLU A 185 -12.15 7.40 -12.90
CA GLU A 185 -13.20 6.71 -12.14
CA GLU A 185 -13.28 6.68 -12.29
C GLU A 185 -13.02 5.19 -12.13
N GLY A 186 -11.97 4.65 -12.73
CA GLY A 186 -11.63 3.25 -12.49
C GLY A 186 -12.20 2.27 -13.49
N ASP A 187 -12.21 1.00 -13.08
CA ASP A 187 -12.55 -0.15 -13.93
C ASP A 187 -14.05 -0.40 -13.90
N LEU A 188 -14.78 0.50 -14.57
CA LEU A 188 -16.24 0.50 -14.50
C LEU A 188 -16.87 -0.78 -15.07
N LYS A 189 -16.15 -1.53 -15.88
CA LYS A 189 -16.75 -2.74 -16.46
C LYS A 189 -16.95 -3.85 -15.44
N ASN A 190 -16.36 -3.76 -14.24
CA ASN A 190 -16.67 -4.71 -13.18
C ASN A 190 -18.04 -4.49 -12.52
N GLY A 191 -18.75 -3.42 -12.92
CA GLY A 191 -20.10 -3.16 -12.44
C GLY A 191 -20.24 -2.49 -11.09
N LYS A 192 -19.13 -2.19 -10.39
CA LYS A 192 -19.21 -1.66 -9.03
C LYS A 192 -19.39 -0.14 -8.96
N GLY A 193 -19.48 0.54 -10.10
CA GLY A 193 -19.92 1.93 -10.10
C GLY A 193 -18.95 2.82 -9.36
N HIS A 194 -19.46 3.52 -8.34
CA HIS A 194 -18.66 4.51 -7.64
C HIS A 194 -17.66 3.88 -6.67
N LEU A 195 -17.73 2.56 -6.45
CA LEU A 195 -16.73 1.83 -5.66
C LEU A 195 -15.58 1.37 -6.55
N ASN A 196 -14.92 2.33 -7.20
CA ASN A 196 -13.92 2.11 -8.23
C ASN A 196 -13.04 3.34 -8.29
N GLY A 197 -11.85 3.19 -8.84
CA GLY A 197 -10.99 4.36 -9.03
C GLY A 197 -9.72 3.93 -9.75
N PHE A 198 -8.93 4.93 -10.14
CA PHE A 198 -7.75 4.67 -10.97
C PHE A 198 -6.74 3.77 -10.28
N TRP A 199 -6.78 3.66 -8.96
CA TRP A 199 -5.81 2.84 -8.23
C TRP A 199 -6.27 1.41 -8.00
N LEU A 200 -7.47 1.03 -8.44
CA LEU A 200 -8.06 -0.29 -8.15
C LEU A 200 -8.22 -1.08 -9.46
N GLU A 201 -7.20 -1.89 -9.79
CA GLU A 201 -7.17 -2.68 -11.04
C GLU A 201 -7.58 -1.84 -12.25
N SER A 202 -6.91 -0.71 -12.42
CA SER A 202 -7.27 0.27 -13.43
C SER A 202 -5.99 0.82 -14.03
N SER A 203 -5.91 2.13 -14.31
CA SER A 203 -4.79 2.62 -15.13
C SER A 203 -3.47 2.74 -14.36
N LEU A 204 -3.51 3.01 -13.05
CA LEU A 204 -2.28 3.23 -12.29
C LEU A 204 -1.59 1.91 -12.00
N GLN A 205 -0.27 1.84 -12.26
CA GLN A 205 0.48 0.60 -12.01
C GLN A 205 1.86 0.92 -11.46
N ILE A 206 2.34 0.08 -10.55
CA ILE A 206 3.60 0.30 -9.85
C ILE A 206 4.21 -1.06 -9.50
N SER A 207 5.58 -1.16 -9.54
CA SER A 207 6.23 -2.41 -9.20
C SER A 207 6.52 -2.48 -7.72
N PRO A 208 6.67 -3.70 -7.16
CA PRO A 208 7.15 -3.81 -5.78
C PRO A 208 8.43 -3.03 -5.48
N LYS A 209 9.42 -3.05 -6.39
CA LYS A 209 10.60 -2.22 -6.22
C LYS A 209 10.24 -0.74 -6.09
N GLU A 210 9.38 -0.25 -6.98
CA GLU A 210 9.01 1.16 -6.92
C GLU A 210 8.22 1.48 -5.67
N GLN A 211 7.42 0.53 -5.15
CA GLN A 211 6.72 0.75 -3.90
C GLN A 211 7.70 1.00 -2.75
N VAL A 212 8.74 0.16 -2.66
CA VAL A 212 9.76 0.31 -1.62
C VAL A 212 10.48 1.65 -1.77
N GLN A 213 10.78 2.04 -3.01
CA GLN A 213 11.48 3.31 -3.24
C GLN A 213 10.61 4.49 -2.80
N THR A 214 9.31 4.41 -3.07
CA THR A 214 8.39 5.46 -2.64
C THR A 214 8.29 5.51 -1.12
N MET A 215 8.15 4.34 -0.49
CA MET A 215 8.01 4.25 0.96
C MET A 215 9.23 4.91 1.61
N ALA A 216 10.42 4.54 1.14
CA ALA A 216 11.67 5.07 1.67
C ALA A 216 11.74 6.60 1.54
N LYS A 217 11.40 7.14 0.37
CA LYS A 217 11.45 8.58 0.16
CA LYS A 217 11.54 8.58 0.24
C LYS A 217 10.53 9.31 1.12
N ILE A 218 9.32 8.76 1.31
CA ILE A 218 8.36 9.37 2.22
C ILE A 218 8.87 9.33 3.66
N PHE A 219 9.22 8.13 4.16
CA PHE A 219 9.43 7.99 5.59
C PHE A 219 10.84 8.35 6.03
N GLU A 220 11.78 8.52 5.10
CA GLU A 220 13.11 9.06 5.38
C GLU A 220 13.10 10.58 5.35
N GLY A 221 11.96 11.18 5.01
CA GLY A 221 11.85 12.63 4.99
C GLY A 221 12.33 13.32 3.72
N ASP A 222 12.46 12.60 2.61
CA ASP A 222 12.96 13.18 1.37
C ASP A 222 11.88 13.74 0.44
N THR A 223 10.62 13.77 0.87
CA THR A 223 9.58 14.48 0.14
C THR A 223 9.25 15.79 0.83
N ASN A 224 8.39 16.57 0.18
CA ASN A 224 7.94 17.83 0.76
C ASN A 224 6.72 17.68 1.66
N PHE A 225 6.21 16.46 1.85
CA PHE A 225 5.10 16.27 2.77
C PHE A 225 5.50 16.71 4.18
N LYS A 226 4.57 17.29 4.90
CA LYS A 226 4.84 17.77 6.25
C LYS A 226 5.18 16.61 7.19
N LYS A 227 6.12 16.85 8.10
CA LYS A 227 6.52 15.82 9.06
C LYS A 227 5.33 15.39 9.93
N GLU A 228 4.49 16.35 10.32
CA GLU A 228 3.27 16.06 11.07
C GLU A 228 2.37 15.07 10.31
N HIS A 229 2.27 15.21 9.00
CA HIS A 229 1.43 14.31 8.21
C HIS A 229 2.06 12.94 8.06
N ILE A 230 3.38 12.90 7.87
CA ILE A 230 4.10 11.62 7.86
C ILE A 230 3.84 10.87 9.17
N ASN A 231 3.84 11.59 10.30
CA ASN A 231 3.67 10.91 11.58
C ASN A 231 2.26 10.37 11.74
N ILE A 232 1.25 11.05 11.19
CA ILE A 232 -0.11 10.52 11.20
C ILE A 232 -0.15 9.18 10.46
N LEU A 233 0.49 9.14 9.28
CA LEU A 233 0.58 7.90 8.51
CA LEU A 233 0.57 7.90 8.51
C LEU A 233 1.25 6.80 9.30
N ARG A 234 2.37 7.07 9.92
CA ARG A 234 3.06 6.07 10.71
C ARG A 234 2.16 5.50 11.80
N ASP A 235 1.49 6.39 12.50
CA ASP A 235 0.53 6.00 13.55
C ASP A 235 -0.50 5.01 13.01
N ILE A 236 -1.18 5.37 11.93
CA ILE A 236 -2.28 4.54 11.48
C ILE A 236 -1.79 3.28 10.75
N MET A 237 -0.52 3.23 10.31
CA MET A 237 -0.05 2.00 9.67
C MET A 237 0.58 1.00 10.62
N ALA A 238 0.75 1.33 11.89
CA ALA A 238 1.44 0.42 12.81
C ALA A 238 0.63 -0.86 12.98
N ILE A 239 1.35 -1.98 13.01
CA ILE A 239 0.82 -3.34 13.05
C ILE A 239 1.29 -4.01 14.34
N ASP A 240 0.44 -4.80 14.97
CA ASP A 240 0.86 -5.54 16.16
C ASP A 240 1.22 -6.96 15.73
N VAL A 241 2.51 -7.33 15.86
CA VAL A 241 2.99 -8.63 15.39
C VAL A 241 3.39 -9.53 16.55
N ASN A 242 3.00 -9.16 17.78
CA ASN A 242 3.31 -9.93 19.00
CA ASN A 242 3.30 -9.96 18.97
C ASN A 242 4.81 -10.10 19.17
N ASP A 243 5.56 -9.02 18.90
CA ASP A 243 7.01 -9.03 19.09
C ASP A 243 7.42 -7.58 19.35
N ALA A 244 7.66 -7.27 20.63
CA ALA A 244 7.99 -5.90 21.03
C ALA A 244 9.36 -5.44 20.54
N ASN A 245 10.19 -6.35 20.03
CA ASN A 245 11.54 -5.98 19.66
C ASN A 245 11.64 -5.39 18.25
N ILE A 246 10.54 -5.38 17.49
CA ILE A 246 10.50 -4.78 16.17
C ILE A 246 9.21 -3.98 16.04
N ASN A 247 9.28 -2.87 15.30
CA ASN A 247 8.10 -2.11 14.92
C ASN A 247 7.80 -2.39 13.46
N VAL A 248 6.58 -2.84 13.16
CA VAL A 248 6.15 -3.11 11.79
C VAL A 248 5.04 -2.14 11.45
N TYR A 249 5.06 -1.64 10.20
CA TYR A 249 4.04 -0.76 9.66
C TYR A 249 3.71 -1.25 8.26
N GLY A 250 2.44 -1.20 7.87
CA GLY A 250 2.14 -1.61 6.50
C GLY A 250 0.68 -1.43 6.12
N LYS A 251 0.39 -1.82 4.88
CA LYS A 251 -0.96 -1.82 4.34
C LYS A 251 -1.12 -2.96 3.35
N THR A 252 -2.25 -3.67 3.44
CA THR A 252 -2.60 -4.72 2.49
C THR A 252 -3.26 -4.16 1.24
N GLY A 253 -3.30 -4.98 0.21
CA GLY A 253 -4.08 -4.68 -0.98
C GLY A 253 -4.48 -5.96 -1.67
N THR A 254 -5.67 -5.95 -2.28
CA THR A 254 -6.20 -7.15 -2.94
C THR A 254 -6.91 -6.77 -4.22
N GLY A 255 -6.53 -7.41 -5.32
CA GLY A 255 -7.25 -7.26 -6.56
C GLY A 255 -7.09 -8.51 -7.39
N PHE A 256 -7.85 -8.58 -8.49
CA PHE A 256 -7.70 -9.68 -9.43
C PHE A 256 -7.45 -9.10 -10.82
N ASP A 257 -6.35 -9.54 -11.42
CA ASP A 257 -5.94 -9.10 -12.77
C ASP A 257 -6.73 -9.94 -13.77
N GLU A 258 -7.79 -9.35 -14.33
CA GLU A 258 -8.68 -10.12 -15.19
C GLU A 258 -8.00 -10.52 -16.50
N LYS A 259 -7.17 -9.64 -17.05
CA LYS A 259 -6.45 -9.96 -18.28
C LYS A 259 -5.61 -11.22 -18.11
N ASN A 260 -4.74 -11.23 -17.11
CA ASN A 260 -3.84 -12.35 -16.89
C ASN A 260 -4.41 -13.45 -16.00
N LYS A 261 -5.62 -13.28 -15.48
CA LYS A 261 -6.23 -14.25 -14.55
C LYS A 261 -5.29 -14.57 -13.39
N ARG A 262 -4.85 -13.51 -12.70
CA ARG A 262 -3.94 -13.63 -11.57
C ARG A 262 -4.34 -12.63 -10.50
N VAL A 263 -4.10 -12.98 -9.23
CA VAL A 263 -4.33 -12.02 -8.16
C VAL A 263 -3.23 -10.97 -8.17
N ASP A 264 -3.57 -9.79 -7.64
CA ASP A 264 -2.58 -8.82 -7.17
C ASP A 264 -2.78 -8.72 -5.66
N ALA A 265 -2.00 -9.46 -4.89
CA ALA A 265 -2.12 -9.46 -3.44
C ALA A 265 -0.83 -8.89 -2.85
N TRP A 266 -0.98 -7.86 -2.01
CA TRP A 266 0.11 -7.01 -1.57
C TRP A 266 0.18 -6.91 -0.05
N PHE A 267 1.40 -6.72 0.45
CA PHE A 267 1.65 -6.10 1.76
C PHE A 267 2.91 -5.25 1.65
N VAL A 268 2.76 -3.93 1.84
CA VAL A 268 3.89 -3.01 1.69
CA VAL A 268 3.84 -2.95 1.66
C VAL A 268 4.01 -2.18 2.97
N GLY A 269 5.25 -1.84 3.32
CA GLY A 269 5.47 -1.07 4.53
C GLY A 269 6.93 -1.00 4.97
N MET A 270 7.14 -0.99 6.29
CA MET A 270 8.48 -0.84 6.80
CA MET A 270 8.45 -0.73 6.88
C MET A 270 8.61 -1.51 8.16
N LEU A 271 9.86 -1.65 8.53
CA LEU A 271 10.21 -2.38 9.71
C LEU A 271 11.38 -1.71 10.38
N GLU A 272 11.28 -1.48 11.67
CA GLU A 272 12.36 -0.90 12.47
C GLU A 272 12.80 -1.90 13.52
N ARG A 273 14.10 -2.15 13.58
CA ARG A 273 14.64 -2.99 14.64
C ARG A 273 16.04 -2.50 14.97
N GLU A 274 16.26 -2.17 16.25
CA GLU A 274 17.58 -1.80 16.75
C GLU A 274 18.32 -0.86 15.80
N GLY A 275 17.81 0.36 15.63
CA GLY A 275 18.51 1.34 14.82
C GLY A 275 18.25 1.28 13.33
N ASP A 276 18.17 0.07 12.75
CA ASP A 276 17.98 -0.08 11.32
C ASP A 276 16.50 -0.02 10.92
N THR A 277 16.25 0.41 9.69
CA THR A 277 14.92 0.44 9.10
C THR A 277 15.02 -0.28 7.75
N TYR A 278 14.06 -1.17 7.49
CA TYR A 278 13.91 -1.82 6.18
C TYR A 278 12.59 -1.38 5.59
N TYR A 279 12.61 -1.00 4.32
CA TYR A 279 11.39 -0.79 3.55
C TYR A 279 11.09 -2.06 2.75
N PHE A 280 9.83 -2.50 2.73
CA PHE A 280 9.57 -3.79 2.11
C PHE A 280 8.29 -3.78 1.30
N ALA A 281 8.24 -4.73 0.35
CA ALA A 281 7.05 -5.00 -0.43
C ALA A 281 7.01 -6.50 -0.68
N ILE A 282 5.89 -7.14 -0.32
CA ILE A 282 5.66 -8.55 -0.59
C ILE A 282 4.47 -8.62 -1.53
N LYS A 283 4.54 -9.50 -2.55
CA LYS A 283 3.55 -9.46 -3.61
C LYS A 283 3.33 -10.88 -4.12
N SER A 284 2.07 -11.29 -4.19
CA SER A 284 1.72 -12.53 -4.87
C SER A 284 1.04 -12.22 -6.20
N ASP A 285 1.28 -13.12 -7.16
CA ASP A 285 0.60 -13.11 -8.45
C ASP A 285 0.03 -14.49 -8.75
N ASP A 286 -0.38 -15.22 -7.72
CA ASP A 286 -0.88 -16.59 -7.90
C ASP A 286 -2.18 -16.59 -8.71
N SER A 287 -2.42 -17.69 -9.41
CA SER A 287 -3.71 -17.83 -10.09
C SER A 287 -4.84 -18.23 -9.14
N ASN A 288 -4.52 -18.63 -7.91
CA ASN A 288 -5.53 -18.98 -6.91
C ASN A 288 -6.17 -17.73 -6.33
N LYS A 289 -7.48 -17.59 -6.52
CA LYS A 289 -8.27 -16.44 -6.07
C LYS A 289 -8.40 -16.35 -4.55
N GLU A 290 -8.11 -17.42 -3.82
CA GLU A 290 -8.11 -17.36 -2.36
C GLU A 290 -6.93 -16.56 -1.80
N ILE A 291 -5.94 -16.22 -2.62
CA ILE A 291 -4.76 -15.52 -2.13
C ILE A 291 -5.06 -14.02 -2.12
N THR A 292 -5.17 -13.47 -0.92
CA THR A 292 -5.56 -12.08 -0.69
C THR A 292 -4.39 -11.30 -0.08
N GLY A 293 -4.56 -9.98 -0.01
CA GLY A 293 -3.63 -9.16 0.75
C GLY A 293 -3.38 -9.64 2.16
N PRO A 294 -4.45 -9.88 2.95
CA PRO A 294 -4.25 -10.45 4.29
C PRO A 294 -3.43 -11.75 4.32
N LYS A 295 -3.62 -12.66 3.36
CA LYS A 295 -2.77 -13.85 3.30
C LYS A 295 -1.31 -13.46 3.08
N VAL A 296 -1.07 -12.50 2.20
CA VAL A 296 0.30 -12.10 1.88
C VAL A 296 0.93 -11.36 3.06
N LYS A 297 0.12 -10.66 3.86
CA LYS A 297 0.64 -10.06 5.10
C LYS A 297 1.13 -11.14 6.07
N GLU A 298 0.40 -12.25 6.16
CA GLU A 298 0.87 -13.40 6.94
C GLU A 298 2.25 -13.85 6.47
N ILE A 299 2.41 -14.02 5.16
CA ILE A 299 3.71 -14.44 4.60
C ILE A 299 4.79 -13.43 4.96
N ALA A 300 4.48 -12.13 4.80
CA ALA A 300 5.44 -11.08 5.15
C ALA A 300 5.88 -11.19 6.61
N ILE A 301 4.93 -11.39 7.52
CA ILE A 301 5.30 -11.43 8.94
C ILE A 301 6.16 -12.65 9.22
N ASN A 302 5.88 -13.76 8.55
CA ASN A 302 6.70 -14.95 8.70
C ASN A 302 8.13 -14.70 8.23
N ILE A 303 8.30 -14.02 7.09
CA ILE A 303 9.62 -13.63 6.62
C ILE A 303 10.32 -12.74 7.64
N ILE A 304 9.60 -11.74 8.17
CA ILE A 304 10.24 -10.80 9.10
C ILE A 304 10.73 -11.53 10.35
N LYS A 305 9.90 -12.43 10.88
CA LYS A 305 10.29 -13.13 12.09
C LYS A 305 11.44 -14.10 11.85
N LYS A 306 11.48 -14.73 10.66
CA LYS A 306 12.57 -15.67 10.39
C LYS A 306 13.87 -14.95 10.09
N TYR A 307 13.83 -14.01 9.17
CA TYR A 307 15.07 -13.43 8.71
C TYR A 307 15.47 -12.05 9.13
N TYR A 308 14.58 -11.31 9.78
CA TYR A 308 14.88 -9.93 10.13
C TYR A 308 14.74 -9.66 11.62
N SER A 309 14.76 -10.69 12.45
CA SER A 309 14.56 -10.51 13.88
C SER A 309 15.88 -10.40 14.65
OAC NXL B . -7.24 -3.51 -2.01
CAN NXL B . -8.18 -2.88 -1.52
N NXL B . -9.39 -3.25 -1.59
CAJ NXL B . -10.36 -2.71 -0.63
CAJ NXL B . -9.76 -4.63 -1.95
CA NXL B . -9.95 -4.21 -2.54
CA NXL B . -10.52 -2.36 -1.34
C NXL B . -10.43 -3.56 -3.80
C NXL B . -11.40 -2.83 -0.20
O NXL B . -11.58 -3.16 -3.86
O NXL B . -12.59 -2.54 -0.20
NAA NXL B . -9.57 -3.45 -4.81
NAA NXL B . -10.88 -3.56 0.79
CB NXL B . -11.13 -4.94 -1.88
CB NXL B . -11.28 -2.27 -2.66
CAH NXL B . -10.87 -5.17 -0.40
CAH NXL B . -11.81 -3.64 -3.06
CAO NXL B . -10.70 -3.84 0.34
CAO NXL B . -10.68 -4.64 -3.18
NAK NXL B . -9.64 -4.03 1.34
NAK NXL B . -9.90 -4.36 -4.41
OAL NXL B . -8.63 -4.71 0.77
OAL NXL B . -10.56 -4.86 -5.50
SAR NXL B . -7.50 -5.32 1.60
SAR NXL B . -10.49 -4.06 -6.81
OAD NXL B . -8.13 -6.28 2.78
OAD NXL B . -8.91 -3.79 -7.17
OAE NXL B . -6.69 -4.29 2.20
OAE NXL B . -11.12 -2.78 -6.58
OAG NXL B . -6.68 -6.12 0.72
OAG NXL B . -11.16 -4.71 -7.90
C15 FYG C . -1.17 -9.93 12.60
C01 FYG C . -1.77 -12.71 14.78
C02 FYG C . -1.51 -12.29 13.31
C03 FYG C . -0.46 -11.20 12.98
C05 FYG C . -0.44 -10.75 15.31
C06 FYG C . -0.67 -12.20 15.72
C08 FYG C . 1.24 -12.06 14.49
N04 FYG C . 0.29 -11.24 14.20
N07 FYG C . 0.58 -12.86 15.29
N17 FYG C . -2.14 -9.99 11.71
O09 FYG C . 2.37 -12.08 14.11
O10 FYG C . 0.88 -14.07 15.49
O12 FYG C . 3.03 -14.10 16.68
O13 FYG C . 0.99 -14.46 17.91
O14 FYG C . 1.89 -16.13 16.44
O16 FYG C . -0.88 -8.85 13.06
S11 FYG C . 1.69 -14.69 16.65
N1 EPE D . -9.06 -5.72 5.21
C2 EPE D . -9.48 -4.62 6.08
C3 EPE D . -9.96 -5.12 7.44
N4 EPE D . -11.08 -6.05 7.22
C5 EPE D . -10.57 -7.20 6.48
C6 EPE D . -10.09 -6.77 5.10
C9 EPE D . -8.82 -5.19 3.86
C10 EPE D . -7.79 -6.08 3.15
S EPE D . -7.44 -5.53 1.62
O1S EPE D . -7.32 -4.10 1.60
O2S EPE D . -6.20 -6.15 1.22
O3S EPE D . -8.63 -6.02 0.61
S SO4 E . -3.11 -5.42 13.25
O1 SO4 E . -2.43 -6.55 12.60
O2 SO4 E . -2.28 -4.80 14.31
O3 SO4 E . -3.45 -4.44 12.21
O4 SO4 E . -4.33 -5.94 13.87
S SO4 F . -20.03 17.79 0.45
O1 SO4 F . -19.45 18.45 -0.73
O2 SO4 F . -18.96 17.13 1.19
O3 SO4 F . -21.02 16.81 0.02
O4 SO4 F . -20.67 18.79 1.29
S SO4 G . 3.00 0.32 -17.52
O1 SO4 G . 2.97 -0.87 -18.38
O2 SO4 G . 4.37 0.79 -17.34
O3 SO4 G . 2.19 1.40 -18.09
O4 SO4 G . 2.49 -0.10 -16.21
S SO4 H . 8.06 5.38 -17.30
O1 SO4 H . 9.02 4.41 -17.81
O2 SO4 H . 8.44 5.78 -15.95
O3 SO4 H . 8.04 6.55 -18.18
O4 SO4 H . 6.72 4.79 -17.27
S SO4 I . 7.76 20.16 7.99
O1 SO4 I . 7.82 18.73 7.67
O2 SO4 I . 8.99 20.50 8.70
O3 SO4 I . 7.67 20.91 6.73
O4 SO4 I . 6.59 20.45 8.83
C1 MPD J . 4.97 19.17 -2.62
C2 MPD J . 3.99 18.18 -2.04
O2 MPD J . 3.67 18.62 -0.69
CM MPD J . 2.69 18.21 -2.84
C3 MPD J . 4.56 16.77 -1.94
C4 MPD J . 4.79 16.07 -3.28
O4 MPD J . 5.79 16.76 -4.00
C5 MPD J . 5.26 14.62 -3.09
#